data_7QYU
#
_entry.id   7QYU
#
_cell.length_a   37.127
_cell.length_b   35.465
_cell.length_c   37.864
_cell.angle_alpha   90.000
_cell.angle_beta   92.490
_cell.angle_gamma   90.000
#
_symmetry.space_group_name_H-M   'P 1 21 1'
#
loop_
_entity.id
_entity.type
_entity.pdbx_description
1 polymer 'Bromodomain adjacent to zinc finger domain protein 2A'
2 non-polymer 2-[4-[[4-[4-(4-ethanoyl-3-ethyl-5-methyl-1~{H}-pyrrol-2-yl)-1,3-thiazol-2-yl]piperazin-1-yl]methyl]-1,2,3-triazol-1-yl]ethanamide
3 water water
#
_entity_poly.entity_id   1
_entity_poly.type   'polypeptide(L)'
_entity_poly.pdbx_seq_one_letter_code
;SMHSDLTFCEIILMEMESHDAAWPFLEPVNPRLVSGYRRIIKNPMDFSTMRHRLSRGGYTSSEEFAADALLVFDNCQTFN
EDDSEVGKAGHIMRRFFESRWEEFY
;
_entity_poly.pdbx_strand_id   A
#
loop_
_chem_comp.id
_chem_comp.type
_chem_comp.name
_chem_comp.formula
GJC non-polymer 2-[4-[[4-[4-(4-ethanoyl-3-ethyl-5-methyl-1~{H}-pyrrol-2-yl)-1,3-thiazol-2-yl]piperazin-1-yl]methyl]-1,2,3-triazol-1-yl]ethanamide 'C21 H28 N8 O2 S'
#
# COMPACT_ATOMS: atom_id res chain seq x y z
N SER A 1 -5.58 2.12 -20.20
CA SER A 1 -4.31 2.11 -19.48
C SER A 1 -4.09 3.41 -18.69
N MET A 2 -2.97 3.47 -17.96
CA MET A 2 -2.71 4.58 -17.06
C MET A 2 -2.54 5.89 -17.82
N HIS A 3 -3.24 6.93 -17.37
CA HIS A 3 -3.02 8.25 -17.93
C HIS A 3 -1.66 8.79 -17.48
N SER A 4 -0.98 9.52 -18.37
CA SER A 4 0.37 9.95 -18.01
C SER A 4 0.37 10.91 -16.83
N ASP A 5 -0.74 11.58 -16.56
CA ASP A 5 -0.76 12.47 -15.40
C ASP A 5 -0.56 11.72 -14.09
N LEU A 6 -0.69 10.40 -14.08
CA LEU A 6 -0.50 9.62 -12.85
C LEU A 6 0.85 8.96 -12.80
N THR A 7 1.75 9.30 -13.71
CA THR A 7 3.07 8.67 -13.70
C THR A 7 3.77 8.87 -12.36
N PHE A 8 3.59 10.03 -11.73
CA PHE A 8 4.23 10.28 -10.44
C PHE A 8 3.73 9.30 -9.37
N CYS A 9 2.48 8.85 -9.51
CA CYS A 9 1.96 7.81 -8.63
C CYS A 9 2.62 6.48 -8.94
N GLU A 10 2.80 6.17 -10.21
CA GLU A 10 3.49 4.94 -10.60
C GLU A 10 4.88 4.88 -9.99
N ILE A 11 5.57 6.03 -9.96
CA ILE A 11 6.93 6.07 -9.43
C ILE A 11 6.92 5.92 -7.90
N ILE A 12 6.00 6.60 -7.21
CA ILE A 12 5.92 6.45 -5.76
C ILE A 12 5.69 5.00 -5.38
N LEU A 13 4.81 4.31 -6.11
CA LEU A 13 4.52 2.92 -5.80
C LEU A 13 5.74 2.04 -6.02
N MET A 14 6.42 2.25 -7.15
CA MET A 14 7.67 1.54 -7.40
C MET A 14 8.65 1.73 -6.26
N GLU A 15 8.81 2.97 -5.81
CA GLU A 15 9.75 3.24 -4.74
C GLU A 15 9.32 2.58 -3.44
N MET A 16 8.02 2.55 -3.15
CA MET A 16 7.55 1.86 -1.96
C MET A 16 7.85 0.38 -2.05
N GLU A 17 7.62 -0.22 -3.22
CA GLU A 17 7.84 -1.66 -3.38
C GLU A 17 9.31 -2.03 -3.17
N SER A 18 10.22 -1.11 -3.44
CA SER A 18 11.65 -1.33 -3.28
C SER A 18 12.10 -1.21 -1.83
N HIS A 19 11.27 -0.64 -0.97
CA HIS A 19 11.70 -0.29 0.37
C HIS A 19 11.81 -1.57 1.20
N ASP A 20 12.81 -1.61 2.10
CA ASP A 20 13.03 -2.86 2.82
C ASP A 20 11.93 -3.10 3.86
N ALA A 21 11.16 -2.08 4.23
CA ALA A 21 9.98 -2.25 5.08
C ALA A 21 8.72 -2.60 4.32
N ALA A 22 8.80 -2.78 3.00
CA ALA A 22 7.64 -3.01 2.16
C ALA A 22 7.23 -4.47 2.10
N TRP A 23 8.09 -5.39 2.55
CA TRP A 23 7.83 -6.79 2.29
C TRP A 23 6.46 -7.28 2.78
N PRO A 24 5.89 -6.79 3.88
CA PRO A 24 4.57 -7.30 4.27
C PRO A 24 3.49 -6.90 3.29
N PHE A 25 3.73 -5.91 2.46
CA PHE A 25 2.66 -5.29 1.68
C PHE A 25 2.77 -5.52 0.18
N LEU A 26 3.73 -6.32 -0.27
CA LEU A 26 3.96 -6.50 -1.69
C LEU A 26 2.82 -7.22 -2.39
N GLU A 27 2.20 -8.19 -1.72
CA GLU A 27 1.12 -8.98 -2.28
C GLU A 27 -0.01 -9.08 -1.29
N PRO A 28 -1.20 -9.49 -1.74
CA PRO A 28 -2.32 -9.65 -0.81
C PRO A 28 -1.95 -10.45 0.43
N VAL A 29 -2.51 -10.07 1.57
CA VAL A 29 -2.30 -10.85 2.78
C VAL A 29 -2.79 -12.27 2.50
N ASN A 30 -1.94 -13.23 2.81
CA ASN A 30 -1.98 -14.57 2.26
C ASN A 30 -2.56 -15.54 3.29
N PRO A 31 -3.75 -16.10 3.04
CA PRO A 31 -4.32 -17.06 4.00
C PRO A 31 -3.43 -18.25 4.26
N ARG A 32 -2.50 -18.55 3.36
CA ARG A 32 -1.59 -19.66 3.63
C ARG A 32 -0.63 -19.32 4.75
N LEU A 33 -0.50 -18.03 5.09
CA LEU A 33 0.47 -17.56 6.07
C LEU A 33 -0.13 -16.93 7.31
N VAL A 34 -1.39 -16.53 7.28
CA VAL A 34 -2.03 -15.99 8.47
C VAL A 34 -3.53 -16.23 8.34
N SER A 35 -4.15 -16.58 9.46
CA SER A 35 -5.57 -16.86 9.52
C SER A 35 -6.31 -15.65 10.06
N GLY A 36 -7.61 -15.62 9.79
CA GLY A 36 -8.47 -14.64 10.39
C GLY A 36 -8.31 -13.24 9.87
N TYR A 37 -7.67 -13.05 8.72
CA TYR A 37 -7.41 -11.70 8.26
C TYR A 37 -8.66 -11.03 7.71
N ARG A 38 -9.23 -11.61 6.65
CA ARG A 38 -10.43 -11.04 6.05
C ARG A 38 -11.64 -11.13 6.97
N ARG A 39 -11.55 -11.95 8.03
CA ARG A 39 -12.56 -11.91 9.08
C ARG A 39 -12.69 -10.50 9.64
N ILE A 40 -11.57 -9.78 9.77
CA ILE A 40 -11.50 -8.46 10.40
C ILE A 40 -11.40 -7.34 9.37
N ILE A 41 -10.63 -7.56 8.31
CA ILE A 41 -10.27 -6.50 7.35
C ILE A 41 -11.18 -6.63 6.15
N LYS A 42 -12.16 -5.73 5.99
CA LYS A 42 -13.19 -5.82 4.94
C LYS A 42 -12.69 -5.31 3.60
N ASN A 43 -11.61 -4.52 3.56
CA ASN A 43 -11.11 -4.01 2.28
C ASN A 43 -9.60 -4.21 2.21
N PRO A 44 -9.16 -5.46 1.96
CA PRO A 44 -7.72 -5.71 1.80
C PRO A 44 -7.14 -4.89 0.66
N MET A 45 -5.87 -4.53 0.81
CA MET A 45 -5.15 -3.80 -0.21
C MET A 45 -3.66 -4.07 -0.06
N ASP A 46 -2.96 -4.07 -1.20
CA ASP A 46 -1.54 -4.41 -1.26
C ASP A 46 -0.97 -3.75 -2.50
N PHE A 47 0.35 -3.65 -2.53
CA PHE A 47 1.04 -2.92 -3.59
C PHE A 47 0.89 -3.58 -4.95
N SER A 48 0.84 -4.92 -5.05
CA SER A 48 0.67 -5.54 -6.36
CA SER A 48 0.67 -5.54 -6.36
CA SER A 48 0.66 -5.55 -6.36
C SER A 48 -0.70 -5.22 -6.95
N THR A 49 -1.75 -5.30 -6.14
CA THR A 49 -3.07 -4.95 -6.59
C THR A 49 -3.07 -3.50 -7.08
N MET A 50 -2.43 -2.62 -6.33
CA MET A 50 -2.38 -1.22 -6.74
C MET A 50 -1.63 -1.07 -8.06
N ARG A 51 -0.52 -1.80 -8.21
CA ARG A 51 0.32 -1.68 -9.39
C ARG A 51 -0.44 -2.08 -10.63
N HIS A 52 -1.16 -3.20 -10.56
CA HIS A 52 -1.95 -3.65 -11.70
C HIS A 52 -3.13 -2.75 -11.99
N ARG A 53 -3.79 -2.27 -10.93
CA ARG A 53 -4.92 -1.37 -11.14
C ARG A 53 -4.45 -0.07 -11.80
N LEU A 54 -3.34 0.47 -11.33
CA LEU A 54 -2.85 1.71 -11.90
C LEU A 54 -2.52 1.52 -13.38
N SER A 55 -1.81 0.42 -13.70
CA SER A 55 -1.31 0.25 -15.05
CA SER A 55 -1.30 0.22 -15.05
C SER A 55 -2.42 0.03 -16.06
N ARG A 56 -3.52 -0.59 -15.65
CA ARG A 56 -4.59 -0.88 -16.59
C ARG A 56 -5.59 0.26 -16.70
N GLY A 57 -5.35 1.38 -16.01
CA GLY A 57 -6.29 2.48 -16.06
C GLY A 57 -7.45 2.27 -15.12
N GLY A 58 -7.18 1.85 -13.88
CA GLY A 58 -8.24 1.57 -12.96
C GLY A 58 -8.29 2.66 -11.91
N TYR A 59 -7.35 3.60 -11.92
CA TYR A 59 -7.43 4.78 -11.07
C TYR A 59 -7.73 5.96 -11.98
N THR A 60 -8.71 6.75 -11.59
CA THR A 60 -8.94 8.00 -12.29
C THR A 60 -8.08 9.12 -11.74
N SER A 61 -7.91 9.18 -10.42
CA SER A 61 -7.26 10.31 -9.79
C SER A 61 -6.15 9.85 -8.84
N SER A 62 -5.22 10.78 -8.64
CA SER A 62 -4.17 10.57 -7.66
C SER A 62 -4.73 10.37 -6.27
N GLU A 63 -5.87 10.99 -5.96
CA GLU A 63 -6.41 10.86 -4.63
C GLU A 63 -6.95 9.46 -4.42
N GLU A 64 -7.49 8.86 -5.47
CA GLU A 64 -7.97 7.48 -5.38
C GLU A 64 -6.80 6.54 -5.13
N PHE A 65 -5.69 6.78 -5.81
CA PHE A 65 -4.48 6.02 -5.60
C PHE A 65 -3.99 6.18 -4.16
N ALA A 66 -3.95 7.42 -3.68
CA ALA A 66 -3.43 7.66 -2.35
C ALA A 66 -4.32 7.02 -1.30
N ALA A 67 -5.63 7.00 -1.55
CA ALA A 67 -6.53 6.39 -0.60
C ALA A 67 -6.25 4.90 -0.47
N ASP A 68 -5.88 4.25 -1.57
CA ASP A 68 -5.53 2.84 -1.50
C ASP A 68 -4.23 2.63 -0.77
N ALA A 69 -3.24 3.52 -0.97
CA ALA A 69 -2.00 3.41 -0.21
C ALA A 69 -2.28 3.50 1.28
N LEU A 70 -3.10 4.48 1.68
CA LEU A 70 -3.40 4.66 3.09
C LEU A 70 -4.21 3.49 3.63
N LEU A 71 -4.99 2.85 2.77
CA LEU A 71 -5.74 1.68 3.19
C LEU A 71 -4.80 0.54 3.58
N VAL A 72 -3.70 0.37 2.84
CA VAL A 72 -2.69 -0.62 3.22
C VAL A 72 -2.25 -0.39 4.66
N PHE A 73 -1.90 0.85 4.98
CA PHE A 73 -1.34 1.16 6.29
C PHE A 73 -2.42 1.14 7.37
N ASP A 74 -3.64 1.59 7.04
CA ASP A 74 -4.74 1.53 7.98
C ASP A 74 -5.10 0.08 8.32
N ASN A 75 -5.18 -0.78 7.30
CA ASN A 75 -5.42 -2.19 7.57
C ASN A 75 -4.34 -2.76 8.46
N CYS A 76 -3.08 -2.41 8.18
CA CYS A 76 -1.96 -2.90 8.96
C CYS A 76 -2.11 -2.50 10.42
N GLN A 77 -2.34 -1.21 10.60
CA GLN A 77 -2.54 -0.85 12.09
CA GLN A 77 -2.64 -0.71 11.99
C GLN A 77 -3.82 -1.36 12.78
N THR A 78 -4.81 -1.78 11.97
CA THR A 78 -5.99 -2.39 12.56
C THR A 78 -5.68 -3.82 13.01
N PHE A 79 -4.92 -4.56 12.22
CA PHE A 79 -4.77 -5.99 12.46
C PHE A 79 -3.59 -6.32 13.34
N ASN A 80 -2.54 -5.50 13.31
CA ASN A 80 -1.26 -5.86 13.89
C ASN A 80 -0.95 -4.98 15.08
N GLU A 81 -0.34 -5.59 16.10
CA GLU A 81 0.17 -4.80 17.21
C GLU A 81 1.26 -3.85 16.72
N ASP A 82 1.31 -2.66 17.32
CA ASP A 82 2.27 -1.66 16.89
C ASP A 82 3.71 -2.12 17.01
N ASP A 83 4.02 -2.95 18.02
CA ASP A 83 5.40 -3.41 18.20
C ASP A 83 5.68 -4.74 17.53
N SER A 84 4.77 -5.25 16.70
CA SER A 84 5.08 -6.42 15.89
C SER A 84 5.88 -6.00 14.68
N GLU A 85 6.56 -6.96 14.07
CA GLU A 85 7.40 -6.64 12.91
CA GLU A 85 7.40 -6.65 12.91
C GLU A 85 6.58 -6.02 11.78
N VAL A 86 5.41 -6.60 11.48
CA VAL A 86 4.60 -6.04 10.41
C VAL A 86 4.03 -4.68 10.82
N GLY A 87 3.63 -4.55 12.09
CA GLY A 87 3.08 -3.29 12.55
C GLY A 87 4.09 -2.16 12.44
N LYS A 88 5.34 -2.42 12.83
CA LYS A 88 6.38 -1.42 12.67
C LYS A 88 6.61 -1.08 11.21
N ALA A 89 6.60 -2.10 10.34
CA ALA A 89 6.81 -1.84 8.90
C ALA A 89 5.74 -0.91 8.35
N GLY A 90 4.49 -1.10 8.80
CA GLY A 90 3.43 -0.24 8.30
C GLY A 90 3.67 1.21 8.67
N HIS A 91 4.15 1.45 9.89
CA HIS A 91 4.44 2.82 10.33
C HIS A 91 5.58 3.42 9.52
N ILE A 92 6.61 2.63 9.20
CA ILE A 92 7.71 3.12 8.38
C ILE A 92 7.19 3.50 7.00
N MET A 93 6.36 2.63 6.43
CA MET A 93 5.90 2.82 5.06
C MET A 93 4.91 3.98 4.98
N ARG A 94 4.10 4.17 6.03
CA ARG A 94 3.22 5.34 6.04
C ARG A 94 4.03 6.63 5.99
N ARG A 95 5.06 6.72 6.86
CA ARG A 95 5.92 7.89 6.84
CA ARG A 95 5.97 7.87 6.85
C ARG A 95 6.58 8.07 5.46
N PHE A 96 7.06 6.98 4.88
CA PHE A 96 7.74 7.02 3.57
C PHE A 96 6.77 7.60 2.52
N PHE A 97 5.54 7.10 2.49
CA PHE A 97 4.55 7.53 1.53
C PHE A 97 4.14 8.97 1.76
N GLU A 98 3.83 9.32 3.02
CA GLU A 98 3.37 10.69 3.29
C GLU A 98 4.46 11.70 2.93
N SER A 99 5.73 11.31 3.08
CA SER A 99 6.83 12.17 2.66
C SER A 99 6.89 12.33 1.14
N ARG A 100 6.76 11.24 0.39
CA ARG A 100 6.74 11.36 -1.06
C ARG A 100 5.53 12.18 -1.51
N TRP A 101 4.37 11.94 -0.91
CA TRP A 101 3.16 12.64 -1.31
C TRP A 101 3.30 14.14 -1.09
N GLU A 102 3.94 14.54 0.02
CA GLU A 102 4.09 15.96 0.35
C GLU A 102 4.99 16.69 -0.62
N GLU A 103 5.90 15.98 -1.28
CA GLU A 103 6.71 16.63 -2.31
C GLU A 103 5.84 17.20 -3.41
N PHE A 104 4.63 16.64 -3.59
CA PHE A 104 3.76 17.04 -4.68
C PHE A 104 2.58 17.88 -4.25
N TYR A 105 2.12 17.74 -3.02
CA TYR A 105 0.94 18.47 -2.59
C TYR A 105 1.18 19.32 -1.34
O10 GJC B . -1.24 -7.93 8.26
C18 GJC B . 6.35 -14.28 4.65
C19 GJC B . 6.63 -15.73 4.92
C21 GJC B . 7.57 -17.11 6.44
C22 GJC B . 8.65 -17.40 5.39
C23 GJC B . 9.97 -16.98 5.41
C25 GJC B . 11.96 -17.18 3.94
C01 GJC B . 2.16 -11.77 9.12
C02 GJC B . 1.19 -11.77 7.91
C03 GJC B . 1.16 -10.42 7.11
C04 GJC B . 1.96 -10.14 6.01
C06 GJC B . 0.71 -8.38 6.28
C07 GJC B . 0.17 -6.99 5.99
C08 GJC B . 0.36 -9.29 7.25
C09 GJC B . -0.73 -9.00 8.25
C11 GJC B . -1.18 -10.06 9.21
C12 GJC B . 3.02 -10.97 5.39
C13 GJC B . 3.46 -10.80 4.06
C15 GJC B . 4.56 -12.62 5.19
C26 GJC B . 12.84 -18.36 4.39
C31 GJC B . 6.09 -15.61 7.12
C32 GJC B . 5.49 -14.21 6.96
N05 GJC B . 1.70 -8.94 5.54
N16 GJC B . 3.66 -12.07 6.09
N17 GJC B . 5.43 -13.72 5.60
N20 GJC B . 7.09 -15.90 6.21
N24 GJC B . 10.54 -17.41 4.30
N28 GJC B . 14.24 -18.15 4.66
N29 GJC B . 9.62 -18.07 3.55
N30 GJC B . 8.44 -18.04 4.24
O27 GJC B . 12.32 -19.42 4.53
S14 GJC B . 4.60 -11.91 3.71
H181 GJC B . 7.19 -13.78 4.71
H182 GJC B . 5.98 -14.18 3.76
H191 GJC B . 5.82 -16.23 4.80
H192 GJC B . 7.30 -16.04 4.29
H212 GJC B . 6.87 -17.76 6.38
H211 GJC B . 7.97 -17.14 7.33
H231 GJC B . 10.39 -16.50 6.09
H252 GJC B . 12.27 -16.36 4.36
H251 GJC B . 12.02 -17.09 2.97
H013 GJC B . 2.68 -12.58 9.12
H012 GJC B . 1.65 -11.71 9.94
H011 GJC B . 2.75 -11.00 9.06
H022 GJC B . 0.29 -11.95 8.24
H021 GJC B . 1.45 -12.48 7.31
H072 GJC B . -0.45 -6.74 6.70
H073 GJC B . -0.30 -7.00 5.15
H071 GJC B . 0.89 -6.36 5.96
H112 GJC B . -1.94 -9.73 9.72
H111 GJC B . -0.45 -10.27 9.82
H113 GJC B . -1.43 -10.85 8.72
H131 GJC B . 3.14 -10.17 3.46
H311 GJC B . 5.39 -16.26 7.02
H312 GJC B . 6.46 -15.67 8.01
H321 GJC B . 6.02 -13.58 7.48
H322 GJC B . 4.59 -14.23 7.32
H051 GJC B . 2.09 -8.56 4.87
H282 GJC B . 14.59 -17.37 4.56
H281 GJC B . 14.73 -18.80 4.91
#